data_2XFD
#
_entry.id   2XFD
#
_cell.length_a   29.610
_cell.length_b   41.990
_cell.length_c   80.080
_cell.angle_alpha   90.00
_cell.angle_beta   90.00
_cell.angle_gamma   90.00
#
_symmetry.space_group_name_H-M   'P 21 21 21'
#
loop_
_entity.id
_entity.type
_entity.pdbx_description
1 polymer 'CARBOHYDRATE BINDING MODULE'
2 branched beta-D-glucopyranose-(1-4)-beta-D-glucopyranose
3 non-polymer 'CALCIUM ION'
4 non-polymer GLYCEROL
5 water water
#
_entity_poly.entity_id   1
_entity_poly.type   'polypeptide(L)'
_entity_poly.pdbx_seq_one_letter_code
;MSNSITVRARGVNGQESVSLQVGGTTVQTWTLTTAMQDYTASTSLTGEIRVAFTNDATGRDVQVDYIVVNGQTRQAENQS
VNTGVWANNQCGGSGNSEWLHCNGYISFGNVS
;
_entity_poly.pdbx_strand_id   A
#
# COMPACT_ATOMS: atom_id res chain seq x y z
N ASN A 3 3.26 9.30 15.15
CA ASN A 3 3.00 7.92 14.77
C ASN A 3 4.07 7.37 13.92
N SER A 4 4.30 6.10 13.99
CA SER A 4 5.27 5.38 13.17
C SER A 4 4.55 4.34 12.33
N ILE A 5 4.83 4.35 11.04
CA ILE A 5 4.23 3.41 10.13
C ILE A 5 5.29 2.74 9.31
N THR A 6 5.31 1.42 9.29
CA THR A 6 6.20 0.61 8.45
C THR A 6 5.37 -0.11 7.37
N VAL A 7 5.74 0.00 6.12
CA VAL A 7 5.14 -0.69 5.03
C VAL A 7 6.08 -1.83 4.61
N ARG A 8 5.57 -3.06 4.52
CA ARG A 8 6.34 -4.19 3.99
C ARG A 8 5.76 -4.52 2.62
N ALA A 9 6.55 -4.32 1.55
CA ALA A 9 6.06 -4.44 0.20
C ALA A 9 7.17 -4.74 -0.77
N ARG A 10 6.76 -5.15 -1.97
CA ARG A 10 7.66 -5.38 -3.09
C ARG A 10 6.96 -5.01 -4.37
N GLY A 11 7.78 -4.79 -5.39
CA GLY A 11 7.32 -4.78 -6.76
C GLY A 11 7.66 -6.11 -7.44
N VAL A 12 7.15 -6.22 -8.65
CA VAL A 12 7.49 -7.36 -9.49
C VAL A 12 8.67 -7.09 -10.41
N ASN A 13 8.85 -5.86 -10.87
CA ASN A 13 10.02 -5.59 -11.70
C ASN A 13 11.02 -4.59 -11.13
N GLY A 14 10.74 -3.96 -10.00
CA GLY A 14 11.67 -3.08 -9.37
C GLY A 14 11.61 -1.62 -9.77
N GLN A 15 10.64 -1.25 -10.59
CA GLN A 15 10.41 0.10 -10.98
C GLN A 15 9.17 0.72 -10.28
N GLU A 16 8.43 -0.10 -9.52
CA GLU A 16 7.20 0.33 -8.96
C GLU A 16 7.41 1.39 -7.89
N SER A 17 6.47 2.37 -7.87
CA SER A 17 6.41 3.43 -6.88
C SER A 17 5.17 3.32 -6.03
N VAL A 18 5.31 3.41 -4.71
CA VAL A 18 4.20 3.48 -3.81
C VAL A 18 4.30 4.73 -2.96
N SER A 19 3.15 5.19 -2.53
CA SER A 19 2.99 6.30 -1.60
C SER A 19 2.22 5.85 -0.37
N LEU A 20 2.78 6.21 0.77
CA LEU A 20 2.06 6.11 2.05
C LEU A 20 1.27 7.41 2.22
N GLN A 21 -0.02 7.31 2.36
CA GLN A 21 -0.90 8.46 2.48
C GLN A 21 -1.67 8.41 3.79
N VAL A 22 -1.92 9.54 4.40
CA VAL A 22 -2.74 9.60 5.59
C VAL A 22 -3.74 10.75 5.37
N GLY A 23 -5.03 10.47 5.35
CA GLY A 23 -6.03 11.50 5.07
C GLY A 23 -5.90 12.12 3.71
N GLY A 24 -5.27 11.45 2.77
CA GLY A 24 -5.03 12.00 1.42
C GLY A 24 -3.73 12.69 1.29
N THR A 25 -3.00 12.97 2.38
CA THR A 25 -1.70 13.59 2.33
C THR A 25 -0.65 12.52 2.08
N THR A 26 0.20 12.68 1.09
CA THR A 26 1.34 11.77 0.90
C THR A 26 2.38 12.03 1.96
N VAL A 27 2.64 11.07 2.81
CA VAL A 27 3.65 11.11 3.85
C VAL A 27 5.02 10.81 3.32
N GLN A 28 5.14 9.80 2.46
CA GLN A 28 6.44 9.42 1.89
C GLN A 28 6.14 8.59 0.65
N THR A 29 7.02 8.67 -0.34
CA THR A 29 7.00 7.82 -1.49
C THR A 29 8.29 7.00 -1.53
N TRP A 30 8.21 5.79 -2.06
CA TRP A 30 9.31 4.87 -2.20
C TRP A 30 9.27 4.20 -3.56
N THR A 31 10.43 3.92 -4.09
CA THR A 31 10.56 2.95 -5.15
C THR A 31 10.84 1.59 -4.52
N LEU A 32 10.16 0.55 -4.99
CA LEU A 32 10.27 -0.80 -4.45
C LEU A 32 11.32 -1.62 -5.16
N THR A 33 11.79 -2.66 -4.47
CA THR A 33 12.59 -3.67 -5.12
C THR A 33 11.71 -4.88 -5.39
N THR A 34 12.33 -5.96 -5.93
CA THR A 34 11.62 -7.14 -6.26
C THR A 34 11.47 -8.13 -5.11
N ALA A 35 11.93 -7.78 -3.91
CA ALA A 35 11.79 -8.59 -2.70
C ALA A 35 11.11 -7.74 -1.66
N MET A 36 10.39 -8.43 -0.76
CA MET A 36 9.78 -7.72 0.39
C MET A 36 10.81 -7.04 1.17
N GLN A 37 10.56 -5.77 1.51
CA GLN A 37 11.42 -4.97 2.35
C GLN A 37 10.54 -4.04 3.17
N ASP A 38 11.11 -3.50 4.24
CA ASP A 38 10.44 -2.57 5.11
C ASP A 38 10.76 -1.14 4.78
N TYR A 39 9.77 -0.28 4.80
CA TYR A 39 9.87 1.13 4.52
C TYR A 39 9.16 1.86 5.65
N THR A 40 9.83 2.75 6.34
CA THR A 40 9.27 3.35 7.58
C THR A 40 9.21 4.85 7.46
N ALA A 41 8.11 5.42 7.93
CA ALA A 41 7.96 6.86 8.03
C ALA A 41 7.21 7.21 9.29
N SER A 42 7.35 8.46 9.67
CA SER A 42 6.72 9.09 10.82
CA SER A 42 6.66 9.02 10.79
C SER A 42 5.69 10.08 10.35
N THR A 43 4.62 10.26 11.11
CA THR A 43 3.65 11.30 10.82
C THR A 43 2.88 11.65 12.12
N SER A 44 2.52 12.93 12.18
CA SER A 44 1.62 13.50 13.18
CA SER A 44 1.60 13.28 13.26
C SER A 44 0.13 13.37 12.75
N LEU A 45 -0.11 13.04 11.51
CA LEU A 45 -1.46 12.92 10.97
C LEU A 45 -2.10 11.66 11.55
N THR A 46 -3.45 11.68 11.61
CA THR A 46 -4.20 10.61 12.29
C THR A 46 -5.28 9.95 11.49
N GLY A 47 -5.48 10.40 10.27
CA GLY A 47 -6.59 9.96 9.44
C GLY A 47 -6.35 8.62 8.72
N GLU A 48 -7.09 8.37 7.66
CA GLU A 48 -7.13 7.10 6.99
C GLU A 48 -5.82 6.83 6.32
N ILE A 49 -5.22 5.67 6.58
CA ILE A 49 -3.98 5.25 5.97
C ILE A 49 -4.26 4.52 4.68
N ARG A 50 -3.56 4.90 3.60
CA ARG A 50 -3.56 4.18 2.36
C ARG A 50 -2.14 3.92 1.90
N VAL A 51 -1.94 2.77 1.25
CA VAL A 51 -0.73 2.51 0.48
C VAL A 51 -1.15 2.45 -0.96
N ALA A 52 -0.64 3.40 -1.76
CA ALA A 52 -1.06 3.59 -3.14
C ALA A 52 0.03 3.28 -4.09
N PHE A 53 -0.28 2.55 -5.15
CA PHE A 53 0.59 2.26 -6.30
C PHE A 53 0.23 3.31 -7.36
N THR A 54 1.23 4.03 -7.88
CA THR A 54 0.97 5.23 -8.67
C THR A 54 1.55 5.19 -10.07
N ASN A 55 2.42 4.24 -10.42
CA ASN A 55 3.08 4.23 -11.73
C ASN A 55 2.91 2.94 -12.49
N ASP A 56 1.72 2.39 -12.44
CA ASP A 56 1.42 1.18 -13.19
C ASP A 56 1.82 1.38 -14.66
N ALA A 57 2.27 0.27 -15.24
CA ALA A 57 2.72 0.16 -16.63
C ALA A 57 2.89 -1.30 -16.87
N THR A 58 3.22 -1.61 -18.13
CA THR A 58 3.59 -2.95 -18.49
C THR A 58 4.64 -3.52 -17.55
N GLY A 59 4.43 -4.71 -17.02
CA GLY A 59 5.42 -5.41 -16.19
C GLY A 59 5.47 -5.00 -14.74
N ARG A 60 4.68 -3.99 -14.36
CA ARG A 60 4.73 -3.45 -13.00
C ARG A 60 3.46 -3.78 -12.20
N ASP A 61 3.66 -4.33 -11.01
CA ASP A 61 2.61 -4.67 -10.05
C ASP A 61 3.25 -4.60 -8.65
N VAL A 62 2.40 -4.40 -7.63
CA VAL A 62 2.87 -4.30 -6.24
C VAL A 62 2.21 -5.36 -5.38
N GLN A 63 2.99 -5.95 -4.50
CA GLN A 63 2.48 -6.87 -3.46
C GLN A 63 2.83 -6.22 -2.11
N VAL A 64 1.80 -5.88 -1.33
CA VAL A 64 1.96 -5.34 0.02
C VAL A 64 1.65 -6.43 0.99
N ASP A 65 2.62 -6.81 1.78
CA ASP A 65 2.40 -7.83 2.79
C ASP A 65 1.49 -7.32 3.91
N TYR A 66 1.86 -6.21 4.50
CA TYR A 66 1.25 -5.66 5.66
C TYR A 66 1.81 -4.26 5.87
N ILE A 67 1.19 -3.53 6.80
CA ILE A 67 1.81 -2.38 7.41
C ILE A 67 1.84 -2.64 8.91
N VAL A 68 2.65 -1.83 9.63
CA VAL A 68 2.71 -1.83 11.06
C VAL A 68 2.49 -0.38 11.51
N VAL A 69 1.52 -0.15 12.35
CA VAL A 69 1.14 1.17 12.82
C VAL A 69 1.36 1.24 14.31
N ASN A 70 2.35 1.96 14.80
CA ASN A 70 2.64 2.02 16.21
C ASN A 70 2.68 0.64 16.83
N GLY A 71 3.32 -0.31 16.14
CA GLY A 71 3.51 -1.63 16.61
C GLY A 71 2.45 -2.65 16.28
N GLN A 72 1.32 -2.21 15.70
CA GLN A 72 0.25 -3.13 15.34
C GLN A 72 0.34 -3.52 13.85
N THR A 73 0.55 -4.78 13.59
CA THR A 73 0.55 -5.28 12.22
C THR A 73 -0.87 -5.32 11.68
N ARG A 74 -1.09 -4.79 10.49
CA ARG A 74 -2.36 -4.80 9.81
C ARG A 74 -2.11 -5.44 8.45
N GLN A 75 -2.57 -6.65 8.25
CA GLN A 75 -2.31 -7.37 7.00
C GLN A 75 -3.04 -6.72 5.84
N ALA A 76 -2.39 -6.59 4.68
CA ALA A 76 -3.08 -6.03 3.51
C ALA A 76 -4.30 -6.83 3.12
N GLU A 77 -4.19 -8.17 3.16
CA GLU A 77 -5.25 -9.07 2.79
C GLU A 77 -6.43 -9.06 3.75
N ASN A 78 -6.25 -8.45 4.93
CA ASN A 78 -7.36 -8.27 5.88
C ASN A 78 -8.11 -6.97 5.68
N GLN A 79 -7.76 -6.20 4.68
CA GLN A 79 -8.40 -4.92 4.44
C GLN A 79 -9.48 -5.05 3.39
N SER A 80 -10.64 -4.56 3.68
CA SER A 80 -11.77 -4.69 2.77
CA SER A 80 -11.78 -4.67 2.78
C SER A 80 -11.68 -3.88 1.51
N VAL A 81 -10.97 -2.77 1.54
CA VAL A 81 -10.87 -1.85 0.42
C VAL A 81 -9.48 -1.89 -0.24
N ASN A 82 -9.49 -2.33 -1.50
CA ASN A 82 -8.32 -2.43 -2.37
C ASN A 82 -8.75 -2.06 -3.77
N THR A 83 -8.41 -0.84 -4.19
CA THR A 83 -8.87 -0.35 -5.45
C THR A 83 -8.01 -0.69 -6.66
N GLY A 84 -6.85 -1.29 -6.39
CA GLY A 84 -5.91 -1.70 -7.42
C GLY A 84 -5.86 -3.15 -7.80
N VAL A 85 -6.37 -4.04 -6.98
CA VAL A 85 -6.31 -5.48 -7.30
C VAL A 85 -7.09 -5.73 -8.57
N TRP A 86 -6.54 -6.60 -9.46
CA TRP A 86 -7.28 -7.07 -10.61
C TRP A 86 -8.06 -8.28 -10.14
N ALA A 87 -9.39 -8.15 -10.10
CA ALA A 87 -10.29 -9.18 -9.59
C ALA A 87 -11.64 -9.01 -10.29
N ASN A 88 -12.28 -10.10 -10.67
CA ASN A 88 -13.54 -9.99 -11.41
C ASN A 88 -13.32 -9.15 -12.65
N ASN A 89 -12.21 -9.35 -13.39
CA ASN A 89 -11.94 -8.65 -14.64
C ASN A 89 -11.94 -7.13 -14.59
N GLN A 90 -11.57 -6.56 -13.42
CA GLN A 90 -11.49 -5.17 -13.35
C GLN A 90 -10.60 -4.78 -12.20
N CYS A 91 -10.13 -3.55 -12.27
CA CYS A 91 -9.38 -3.00 -11.13
C CYS A 91 -10.33 -2.75 -9.98
N GLY A 92 -9.96 -3.17 -8.77
CA GLY A 92 -10.81 -2.99 -7.61
C GLY A 92 -12.02 -3.89 -7.60
N GLY A 93 -11.98 -5.02 -8.31
CA GLY A 93 -13.16 -5.86 -8.37
C GLY A 93 -13.49 -6.62 -7.11
N SER A 94 -12.57 -6.64 -6.15
CA SER A 94 -12.83 -7.19 -4.85
C SER A 94 -11.87 -6.53 -3.86
N GLY A 95 -11.94 -6.93 -2.64
CA GLY A 95 -11.06 -6.48 -1.56
C GLY A 95 -10.19 -7.60 -1.10
N ASN A 96 -9.60 -7.40 0.08
CA ASN A 96 -8.91 -8.43 0.77
C ASN A 96 -7.82 -9.07 -0.10
N SER A 97 -6.89 -8.25 -0.56
CA SER A 97 -5.75 -8.75 -1.35
C SER A 97 -4.50 -7.92 -1.00
N GLU A 98 -3.36 -8.61 -1.03
CA GLU A 98 -2.06 -7.99 -1.00
C GLU A 98 -1.71 -7.22 -2.23
N TRP A 99 -2.39 -7.49 -3.37
CA TRP A 99 -1.92 -7.01 -4.66
C TRP A 99 -2.56 -5.69 -5.09
N LEU A 100 -1.71 -4.91 -5.71
CA LEU A 100 -2.12 -3.74 -6.48
C LEU A 100 -1.60 -3.96 -7.88
N HIS A 101 -2.49 -4.38 -8.78
CA HIS A 101 -2.15 -4.59 -10.22
C HIS A 101 -2.29 -3.32 -11.00
N CYS A 102 -3.33 -2.58 -10.72
CA CYS A 102 -3.62 -1.29 -11.33
C CYS A 102 -3.18 -0.19 -10.35
N ASN A 103 -3.05 1.02 -10.87
CA ASN A 103 -2.97 2.16 -9.97
C ASN A 103 -4.17 2.14 -9.01
N GLY A 104 -3.96 2.38 -7.73
CA GLY A 104 -4.98 2.25 -6.76
C GLY A 104 -4.34 2.08 -5.40
N TYR A 105 -5.13 1.79 -4.39
CA TYR A 105 -4.64 1.76 -3.03
C TYR A 105 -5.31 0.68 -2.20
N ILE A 106 -4.65 0.33 -1.12
CA ILE A 106 -5.20 -0.46 -0.02
C ILE A 106 -5.42 0.47 1.13
N SER A 107 -6.61 0.47 1.72
CA SER A 107 -6.91 1.26 2.90
C SER A 107 -6.76 0.42 4.14
N PHE A 108 -6.02 0.97 5.12
CA PHE A 108 -5.73 0.26 6.37
C PHE A 108 -6.43 0.90 7.58
N GLY A 109 -7.43 1.72 7.32
CA GLY A 109 -8.17 2.38 8.42
C GLY A 109 -7.36 3.53 8.99
N ASN A 110 -7.94 4.17 10.00
CA ASN A 110 -7.29 5.31 10.62
C ASN A 110 -6.05 4.95 11.43
N VAL A 111 -5.18 5.93 11.54
CA VAL A 111 -4.00 5.70 12.34
C VAL A 111 -4.31 5.24 13.70
#